data_8Y83
#
_entry.id   8Y83
#
_cell.length_a   84.434
_cell.length_b   84.434
_cell.length_c   280.321
_cell.angle_alpha   90.00
_cell.angle_beta   90.00
_cell.angle_gamma   120.00
#
_symmetry.space_group_name_H-M   'P 65 2 2'
#
loop_
_entity.id
_entity.type
_entity.pdbx_description
1 polymer 'NAD(P)-dependent dehydrogenase (Short-subunit alcohol dehydrogenase family)'
2 non-polymer NICOTINAMIDE-ADENINE-DINUCLEOTIDE
3 water water
#
_entity_poly.entity_id   1
_entity_poly.type   'polypeptide(L)'
_entity_poly.pdbx_seq_one_letter_code
;MKILADKVALVTGSGSGIGLAVALAYGKEGAKVVISDINEQAGNETVKQIESLGGEAVFFKADSSSPADNEALVGYAVKT
FGRLDIACNNAGIGGEAALTGDYSLDGWKKVIDINFNGVFYGCKYQIEAMERNGGGVIVNMASIHGTVAAPMSSAYTSAK
HAVVGLTKNIGAEYGQKNIRCNAVGPGYIDTPLLAKLDKEHINALISKHPIGRLGKAEEVAELVLFLSSDKSSFMTGGYY
LVDGGYTAV
;
_entity_poly.pdbx_strand_id   A,B
#
# COMPACT_ATOMS: atom_id res chain seq x y z
N MET A 1 1.29 20.70 -7.45
CA MET A 1 -0.13 20.99 -7.79
C MET A 1 -0.97 19.82 -7.25
N LYS A 2 -2.10 19.53 -7.91
CA LYS A 2 -2.86 18.30 -7.75
C LYS A 2 -2.02 17.11 -8.25
N ILE A 3 -2.10 15.96 -7.59
CA ILE A 3 -1.04 14.97 -7.73
C ILE A 3 -1.07 14.29 -9.10
N LEU A 4 -2.19 14.32 -9.83
CA LEU A 4 -2.29 13.69 -11.15
C LEU A 4 -2.45 14.74 -12.25
N ALA A 5 -2.05 15.98 -11.97
CA ALA A 5 -2.18 17.05 -12.95
C ALA A 5 -1.35 16.72 -14.20
N ASP A 6 -1.89 17.01 -15.38
CA ASP A 6 -1.24 16.70 -16.65
C ASP A 6 -1.21 15.20 -16.98
N LYS A 7 -1.80 14.32 -16.17
CA LYS A 7 -1.84 12.91 -16.54
C LYS A 7 -3.18 12.55 -17.19
N VAL A 8 -3.13 11.48 -17.99
CA VAL A 8 -4.37 10.95 -18.63
C VAL A 8 -4.61 9.57 -18.01
N ALA A 9 -5.80 9.34 -17.47
CA ALA A 9 -6.07 8.09 -16.74
C ALA A 9 -7.29 7.38 -17.31
N LEU A 10 -7.23 6.05 -17.35
CA LEU A 10 -8.37 5.24 -17.86
C LEU A 10 -8.89 4.35 -16.73
N VAL A 11 -10.20 4.32 -16.52
CA VAL A 11 -10.80 3.38 -15.52
C VAL A 11 -11.85 2.49 -16.19
N THR A 12 -11.63 1.19 -16.25
CA THR A 12 -12.66 0.28 -16.76
C THR A 12 -13.66 0.00 -15.63
N GLY A 13 -14.93 -0.24 -16.03
CA GLY A 13 -16.05 -0.44 -15.11
C GLY A 13 -16.26 0.73 -14.15
N SER A 14 -16.10 1.95 -14.66
CA SER A 14 -16.17 3.16 -13.86
C SER A 14 -17.58 3.76 -13.85
N GLY A 15 -18.55 2.97 -14.33
CA GLY A 15 -19.95 3.40 -14.30
C GLY A 15 -20.53 3.39 -12.89
N SER A 16 -19.95 2.58 -11.99
CA SER A 16 -20.54 2.26 -10.70
C SER A 16 -19.46 1.81 -9.71
N GLY A 17 -19.76 1.91 -8.41
CA GLY A 17 -19.00 1.22 -7.38
C GLY A 17 -17.57 1.74 -7.19
N ILE A 18 -16.65 0.79 -7.10
CA ILE A 18 -15.24 1.13 -6.89
C ILE A 18 -14.72 1.95 -8.07
N GLY A 19 -15.06 1.54 -9.29
CA GLY A 19 -14.58 2.19 -10.51
C GLY A 19 -15.00 3.67 -10.53
N LEU A 20 -16.22 3.91 -10.05
CA LEU A 20 -16.76 5.25 -9.93
C LEU A 20 -15.91 6.04 -8.96
N ALA A 21 -15.65 5.46 -7.79
CA ALA A 21 -14.88 6.16 -6.78
C ALA A 21 -13.47 6.46 -7.29
N VAL A 22 -12.83 5.50 -7.98
CA VAL A 22 -11.50 5.73 -8.53
C VAL A 22 -11.53 6.85 -9.59
N ALA A 23 -12.52 6.84 -10.47
CA ALA A 23 -12.63 7.87 -11.51
C ALA A 23 -12.80 9.26 -10.89
N LEU A 24 -13.58 9.37 -9.82
CA LEU A 24 -13.78 10.62 -9.12
C LEU A 24 -12.49 11.06 -8.44
N ALA A 25 -11.78 10.12 -7.78
CA ALA A 25 -10.49 10.49 -7.19
C ALA A 25 -9.54 11.00 -8.29
N TYR A 26 -9.46 10.27 -9.41
CA TYR A 26 -8.57 10.69 -10.48
C TYR A 26 -8.90 12.12 -10.96
N GLY A 27 -10.18 12.39 -11.22
CA GLY A 27 -10.69 13.68 -11.67
C GLY A 27 -10.35 14.80 -10.69
N LYS A 28 -10.60 14.58 -9.40
CA LYS A 28 -10.33 15.57 -8.39
C LYS A 28 -8.85 15.90 -8.34
N GLU A 29 -8.00 14.93 -8.71
CA GLU A 29 -6.57 15.16 -8.62
C GLU A 29 -5.96 15.66 -9.94
N GLY A 30 -6.84 16.06 -10.87
CA GLY A 30 -6.45 16.84 -12.02
C GLY A 30 -6.16 15.96 -13.23
N ALA A 31 -6.44 14.66 -13.15
CA ALA A 31 -6.23 13.80 -14.30
C ALA A 31 -7.31 14.04 -15.34
N LYS A 32 -6.95 13.86 -16.61
CA LYS A 32 -7.95 13.72 -17.65
C LYS A 32 -8.37 12.26 -17.69
N VAL A 33 -9.67 12.01 -17.51
CA VAL A 33 -10.15 10.68 -17.22
C VAL A 33 -11.00 10.15 -18.38
N VAL A 34 -10.68 8.94 -18.80
CA VAL A 34 -11.44 8.15 -19.74
C VAL A 34 -12.20 7.06 -18.97
N ILE A 35 -13.52 7.19 -18.96
CA ILE A 35 -14.47 6.30 -18.36
C ILE A 35 -14.87 5.28 -19.40
N SER A 36 -14.80 4.01 -19.01
CA SER A 36 -15.31 2.92 -19.83
C SER A 36 -16.24 2.03 -19.02
N ASP A 37 -17.30 1.57 -19.68
CA ASP A 37 -18.27 0.70 -19.04
C ASP A 37 -19.15 0.09 -20.13
N ILE A 38 -19.83 -1.00 -19.75
CA ILE A 38 -20.85 -1.67 -20.54
C ILE A 38 -22.10 -0.80 -20.56
N ASN A 39 -22.34 -0.06 -19.47
CA ASN A 39 -23.55 0.74 -19.31
C ASN A 39 -23.30 2.21 -19.58
N GLU A 40 -23.91 2.72 -20.67
CA GLU A 40 -23.63 4.04 -21.19
C GLU A 40 -24.21 5.10 -20.26
N GLN A 41 -25.40 4.84 -19.74
CA GLN A 41 -26.04 5.82 -18.88
C GLN A 41 -25.20 6.03 -17.62
N ALA A 42 -24.78 4.91 -17.00
CA ALA A 42 -23.90 4.97 -15.84
C ALA A 42 -22.61 5.72 -16.19
N GLY A 43 -22.00 5.36 -17.32
CA GLY A 43 -20.74 5.95 -17.76
C GLY A 43 -20.86 7.47 -17.97
N ASN A 44 -21.91 7.90 -18.70
CA ASN A 44 -22.13 9.33 -18.95
C ASN A 44 -22.37 10.12 -17.67
N GLU A 45 -23.09 9.51 -16.72
CA GLU A 45 -23.28 10.09 -15.41
C GLU A 45 -21.94 10.29 -14.69
N THR A 46 -21.02 9.32 -14.76
CA THR A 46 -19.72 9.49 -14.12
C THR A 46 -19.01 10.70 -14.73
N VAL A 47 -19.06 10.82 -16.07
CA VAL A 47 -18.45 11.96 -16.75
C VAL A 47 -19.03 13.26 -16.21
N LYS A 48 -20.36 13.29 -16.09
CA LYS A 48 -21.06 14.49 -15.64
C LYS A 48 -20.64 14.84 -14.22
N GLN A 49 -20.48 13.84 -13.33
CA GLN A 49 -20.04 14.12 -11.96
C GLN A 49 -18.60 14.68 -11.98
N ILE A 50 -17.72 14.13 -12.83
CA ILE A 50 -16.35 14.62 -12.85
C ILE A 50 -16.34 16.08 -13.34
N GLU A 51 -17.02 16.33 -14.46
CA GLU A 51 -17.18 17.69 -14.96
C GLU A 51 -17.76 18.63 -13.91
N SER A 52 -18.75 18.18 -13.13
CA SER A 52 -19.36 19.04 -12.11
C SER A 52 -18.38 19.36 -10.97
N LEU A 53 -17.29 18.59 -10.83
CA LEU A 53 -16.21 18.90 -9.90
C LEU A 53 -15.20 19.84 -10.56
N GLY A 54 -15.36 20.10 -11.86
CA GLY A 54 -14.41 20.92 -12.59
C GLY A 54 -13.27 20.09 -13.20
N GLY A 55 -13.46 18.78 -13.30
CA GLY A 55 -12.47 17.93 -13.96
C GLY A 55 -12.79 17.77 -15.44
N GLU A 56 -11.94 17.04 -16.16
CA GLU A 56 -12.18 16.73 -17.56
C GLU A 56 -12.30 15.23 -17.77
N ALA A 57 -13.37 14.80 -18.47
CA ALA A 57 -13.60 13.38 -18.68
C ALA A 57 -14.36 13.13 -19.96
N VAL A 58 -14.23 11.92 -20.52
CA VAL A 58 -15.03 11.43 -21.64
C VAL A 58 -15.38 9.97 -21.39
N PHE A 59 -16.46 9.54 -22.04
CA PHE A 59 -16.97 8.19 -21.92
C PHE A 59 -16.76 7.39 -23.21
N PHE A 60 -16.31 6.14 -23.10
CA PHE A 60 -16.17 5.26 -24.25
C PHE A 60 -16.70 3.89 -23.84
N LYS A 61 -17.66 3.39 -24.62
CA LYS A 61 -18.33 2.15 -24.30
C LYS A 61 -17.44 0.99 -24.75
N ALA A 62 -17.18 0.05 -23.86
CA ALA A 62 -16.32 -1.09 -24.17
C ALA A 62 -16.66 -2.25 -23.25
N ASP A 63 -16.63 -3.43 -23.83
CA ASP A 63 -16.64 -4.67 -23.08
C ASP A 63 -15.19 -5.11 -22.82
N SER A 64 -14.85 -5.18 -21.53
CA SER A 64 -13.50 -5.49 -21.05
C SER A 64 -13.02 -6.85 -21.52
N SER A 65 -13.96 -7.77 -21.77
CA SER A 65 -13.60 -9.11 -22.23
C SER A 65 -13.20 -9.15 -23.71
N SER A 66 -13.44 -8.09 -24.47
CA SER A 66 -13.09 -8.06 -25.89
C SER A 66 -11.71 -7.43 -26.12
N PRO A 67 -10.79 -8.15 -26.80
CA PRO A 67 -9.50 -7.55 -27.20
C PRO A 67 -9.68 -6.30 -28.06
N ALA A 68 -10.59 -6.36 -29.05
CA ALA A 68 -10.87 -5.23 -29.94
C ALA A 68 -11.40 -4.03 -29.17
N ASP A 69 -12.31 -4.24 -28.21
CA ASP A 69 -12.77 -3.09 -27.46
C ASP A 69 -11.66 -2.45 -26.63
N ASN A 70 -10.73 -3.25 -26.07
CA ASN A 70 -9.67 -2.72 -25.23
C ASN A 70 -8.68 -1.91 -26.08
N GLU A 71 -8.36 -2.43 -27.25
CA GLU A 71 -7.51 -1.74 -28.18
C GLU A 71 -8.18 -0.42 -28.58
N ALA A 72 -9.45 -0.47 -28.92
CA ALA A 72 -10.15 0.74 -29.33
C ALA A 72 -10.20 1.77 -28.19
N LEU A 73 -10.40 1.30 -26.94
CA LEU A 73 -10.50 2.21 -25.81
C LEU A 73 -9.19 2.96 -25.60
N VAL A 74 -8.07 2.23 -25.68
CA VAL A 74 -6.77 2.88 -25.55
C VAL A 74 -6.59 3.87 -26.71
N GLY A 75 -6.94 3.44 -27.93
CA GLY A 75 -6.89 4.30 -29.12
C GLY A 75 -7.69 5.59 -28.89
N TYR A 76 -8.88 5.47 -28.35
CA TYR A 76 -9.67 6.66 -28.05
C TYR A 76 -9.01 7.58 -27.02
N ALA A 77 -8.43 6.99 -25.98
CA ALA A 77 -7.81 7.80 -24.95
C ALA A 77 -6.69 8.64 -25.56
N VAL A 78 -5.84 7.99 -26.37
CA VAL A 78 -4.69 8.64 -27.02
C VAL A 78 -5.14 9.65 -28.08
N LYS A 79 -6.18 9.32 -28.86
CA LYS A 79 -6.75 10.29 -29.79
C LYS A 79 -7.29 11.52 -29.06
N THR A 80 -7.96 11.34 -27.90
CA THR A 80 -8.66 12.43 -27.24
C THR A 80 -7.70 13.30 -26.45
N PHE A 81 -6.75 12.70 -25.72
CA PHE A 81 -5.97 13.46 -24.75
C PHE A 81 -4.47 13.35 -25.03
N GLY A 82 -4.08 12.52 -25.99
CA GLY A 82 -2.75 12.62 -26.59
C GLY A 82 -1.75 11.60 -26.07
N ARG A 83 -2.18 10.83 -25.05
CA ARG A 83 -1.28 9.95 -24.31
C ARG A 83 -2.11 9.13 -23.32
N LEU A 84 -1.47 8.13 -22.68
CA LEU A 84 -2.03 7.35 -21.60
C LEU A 84 -0.94 7.11 -20.55
N ASP A 85 -1.21 7.64 -19.34
CA ASP A 85 -0.30 7.60 -18.21
C ASP A 85 -0.65 6.54 -17.15
N ILE A 86 -1.96 6.33 -16.93
CA ILE A 86 -2.50 5.60 -15.77
C ILE A 86 -3.65 4.77 -16.30
N ALA A 87 -3.67 3.47 -15.97
CA ALA A 87 -4.84 2.65 -16.21
C ALA A 87 -5.23 1.88 -14.97
N CYS A 88 -6.52 1.91 -14.60
CA CYS A 88 -7.07 1.08 -13.53
C CYS A 88 -8.03 0.06 -14.13
N ASN A 89 -7.60 -1.20 -14.15
CA ASN A 89 -8.35 -2.31 -14.70
C ASN A 89 -9.29 -2.86 -13.62
N ASN A 90 -10.51 -2.31 -13.59
CA ASN A 90 -11.43 -2.46 -12.49
C ASN A 90 -12.64 -3.29 -12.89
N ALA A 91 -12.99 -3.36 -14.17
CA ALA A 91 -14.23 -4.02 -14.58
C ALA A 91 -14.20 -5.46 -14.08
N GLY A 92 -15.29 -5.93 -13.47
CA GLY A 92 -15.36 -7.28 -12.96
C GLY A 92 -16.79 -7.65 -12.56
N ILE A 93 -17.05 -8.96 -12.51
CA ILE A 93 -18.30 -9.51 -11.99
C ILE A 93 -17.98 -10.50 -10.86
N GLY A 94 -18.98 -10.72 -10.01
CA GLY A 94 -18.91 -11.65 -8.90
C GLY A 94 -19.09 -13.09 -9.38
N GLY A 95 -19.95 -13.35 -10.36
CA GLY A 95 -20.13 -14.71 -10.82
C GLY A 95 -21.19 -15.44 -10.00
N GLU A 96 -21.59 -16.62 -10.50
CA GLU A 96 -22.56 -17.47 -9.80
C GLU A 96 -21.93 -18.07 -8.55
N ALA A 97 -22.80 -18.41 -7.59
CA ALA A 97 -22.47 -19.11 -6.37
C ALA A 97 -22.85 -20.59 -6.49
N ALA A 98 -21.82 -21.45 -6.48
CA ALA A 98 -21.95 -22.90 -6.58
C ALA A 98 -20.60 -23.52 -6.17
N LEU A 99 -20.63 -24.69 -5.54
CA LEU A 99 -19.43 -25.48 -5.30
C LEU A 99 -18.76 -25.79 -6.62
N THR A 100 -17.43 -25.96 -6.56
CA THR A 100 -16.61 -26.11 -7.75
C THR A 100 -17.15 -27.21 -8.65
N GLY A 101 -17.45 -28.37 -8.06
CA GLY A 101 -17.99 -29.50 -8.79
C GLY A 101 -19.27 -29.16 -9.53
N ASP A 102 -20.03 -28.20 -9.01
CA ASP A 102 -21.31 -27.85 -9.58
C ASP A 102 -21.23 -26.58 -10.42
N TYR A 103 -20.02 -26.00 -10.62
CA TYR A 103 -19.90 -24.68 -11.23
C TYR A 103 -20.15 -24.84 -12.75
N SER A 104 -20.97 -23.97 -13.35
CA SER A 104 -21.30 -24.14 -14.77
C SER A 104 -20.11 -23.80 -15.65
N LEU A 105 -20.04 -24.45 -16.82
CA LEU A 105 -18.96 -24.20 -17.75
C LEU A 105 -19.05 -22.78 -18.31
N ASP A 106 -20.25 -22.33 -18.67
CA ASP A 106 -20.45 -21.01 -19.22
C ASP A 106 -20.25 -19.93 -18.16
N GLY A 107 -20.80 -20.13 -16.96
CA GLY A 107 -20.54 -19.22 -15.84
C GLY A 107 -19.03 -19.08 -15.52
N TRP A 108 -18.30 -20.20 -15.53
CA TRP A 108 -16.85 -20.20 -15.37
C TRP A 108 -16.18 -19.32 -16.43
N LYS A 109 -16.50 -19.60 -17.70
CA LYS A 109 -15.89 -18.93 -18.83
C LYS A 109 -16.12 -17.42 -18.74
N LYS A 110 -17.33 -17.04 -18.33
CA LYS A 110 -17.67 -15.64 -18.31
C LYS A 110 -16.83 -14.90 -17.24
N VAL A 111 -16.70 -15.50 -16.04
CA VAL A 111 -15.93 -14.88 -14.99
C VAL A 111 -14.47 -14.78 -15.42
N ILE A 112 -13.94 -15.84 -16.01
CA ILE A 112 -12.54 -15.81 -16.41
C ILE A 112 -12.31 -14.78 -17.52
N ASP A 113 -13.25 -14.67 -18.47
CA ASP A 113 -13.10 -13.78 -19.61
C ASP A 113 -13.15 -12.32 -19.20
N ILE A 114 -14.01 -11.95 -18.25
CA ILE A 114 -14.09 -10.57 -17.81
C ILE A 114 -13.00 -10.23 -16.78
N ASN A 115 -12.86 -11.08 -15.74
CA ASN A 115 -12.09 -10.75 -14.55
C ASN A 115 -10.61 -11.03 -14.76
N PHE A 116 -10.28 -11.87 -15.74
CA PHE A 116 -8.90 -12.27 -15.94
C PHE A 116 -8.45 -11.91 -17.36
N ASN A 117 -8.99 -12.59 -18.39
CA ASN A 117 -8.56 -12.36 -19.76
C ASN A 117 -8.67 -10.88 -20.13
N GLY A 118 -9.79 -10.26 -19.73
CA GLY A 118 -10.05 -8.87 -20.04
C GLY A 118 -8.99 -7.94 -19.43
N VAL A 119 -8.51 -8.28 -18.22
CA VAL A 119 -7.47 -7.52 -17.55
C VAL A 119 -6.18 -7.62 -18.38
N PHE A 120 -5.87 -8.80 -18.90
CA PHE A 120 -4.72 -8.95 -19.77
C PHE A 120 -4.87 -8.12 -21.06
N TYR A 121 -6.04 -8.16 -21.71
CA TYR A 121 -6.28 -7.44 -22.96
C TYR A 121 -6.08 -5.94 -22.72
N GLY A 122 -6.66 -5.42 -21.64
CA GLY A 122 -6.40 -4.06 -21.19
C GLY A 122 -4.90 -3.77 -21.06
N CYS A 123 -4.23 -4.53 -20.20
CA CYS A 123 -2.82 -4.31 -19.93
C CYS A 123 -2.01 -4.30 -21.23
N LYS A 124 -2.28 -5.26 -22.12
CA LYS A 124 -1.54 -5.38 -23.38
C LYS A 124 -1.59 -4.07 -24.17
N TYR A 125 -2.79 -3.51 -24.36
CA TYR A 125 -2.93 -2.32 -25.19
C TYR A 125 -2.51 -1.07 -24.42
N GLN A 126 -2.72 -1.07 -23.10
CA GLN A 126 -2.24 0.00 -22.25
C GLN A 126 -0.70 0.11 -22.33
N ILE A 127 -0.03 -1.02 -22.18
CA ILE A 127 1.42 -1.09 -22.25
C ILE A 127 1.93 -0.48 -23.55
N GLU A 128 1.27 -0.84 -24.66
CA GLU A 128 1.67 -0.35 -25.98
C GLU A 128 1.65 1.17 -26.01
N ALA A 129 0.58 1.79 -25.48
CA ALA A 129 0.49 3.24 -25.44
C ALA A 129 1.51 3.84 -24.50
N MET A 130 1.61 3.27 -23.29
CA MET A 130 2.55 3.73 -22.30
C MET A 130 4.00 3.66 -22.80
N GLU A 131 4.37 2.58 -23.49
CA GLU A 131 5.72 2.53 -24.05
C GLU A 131 5.95 3.70 -25.01
N ARG A 132 4.96 4.01 -25.85
CA ARG A 132 5.07 5.11 -26.79
C ARG A 132 5.29 6.44 -26.05
N ASN A 133 4.60 6.65 -24.90
CA ASN A 133 4.64 7.95 -24.25
C ASN A 133 5.50 7.93 -23.00
N GLY A 134 6.52 7.07 -22.97
CA GLY A 134 7.63 7.21 -22.04
C GLY A 134 7.37 6.49 -20.71
N GLY A 135 6.31 5.68 -20.66
CA GLY A 135 6.00 4.87 -19.48
C GLY A 135 4.62 5.21 -18.91
N GLY A 136 4.34 4.61 -17.74
CA GLY A 136 3.05 4.77 -17.11
C GLY A 136 2.91 3.82 -15.93
N VAL A 137 1.69 3.76 -15.40
CA VAL A 137 1.40 3.07 -14.17
C VAL A 137 0.05 2.37 -14.35
N ILE A 138 0.03 1.05 -14.08
CA ILE A 138 -1.20 0.27 -14.13
C ILE A 138 -1.52 -0.18 -12.71
N VAL A 139 -2.81 -0.06 -12.35
CA VAL A 139 -3.36 -0.67 -11.14
C VAL A 139 -4.41 -1.69 -11.56
N ASN A 140 -4.18 -2.96 -11.21
CA ASN A 140 -5.13 -4.02 -11.49
C ASN A 140 -5.96 -4.28 -10.24
N MET A 141 -7.29 -4.29 -10.40
CA MET A 141 -8.18 -4.51 -9.28
C MET A 141 -8.28 -6.02 -9.02
N ALA A 142 -7.66 -6.46 -7.92
CA ALA A 142 -7.80 -7.86 -7.55
C ALA A 142 -8.85 -7.94 -6.44
N SER A 143 -8.53 -8.62 -5.35
CA SER A 143 -9.43 -8.88 -4.24
C SER A 143 -8.62 -9.52 -3.13
N ILE A 144 -9.20 -9.59 -1.92
CA ILE A 144 -8.75 -10.52 -0.91
C ILE A 144 -8.70 -11.91 -1.50
N HIS A 145 -9.61 -12.20 -2.47
CA HIS A 145 -9.73 -13.52 -3.06
C HIS A 145 -8.65 -13.79 -4.11
N GLY A 146 -7.75 -12.81 -4.29
CA GLY A 146 -6.45 -13.06 -4.89
C GLY A 146 -5.48 -13.83 -3.99
N THR A 147 -5.82 -14.01 -2.71
CA THR A 147 -4.91 -14.73 -1.85
C THR A 147 -5.64 -15.74 -0.96
N VAL A 148 -6.95 -15.54 -0.65
CA VAL A 148 -7.70 -16.49 0.17
C VAL A 148 -8.96 -16.91 -0.60
N ALA A 149 -9.45 -18.11 -0.31
CA ALA A 149 -10.63 -18.66 -0.94
C ALA A 149 -11.90 -17.90 -0.60
N ALA A 150 -12.83 -17.97 -1.55
CA ALA A 150 -14.20 -17.50 -1.40
C ALA A 150 -15.10 -18.70 -1.73
N PRO A 151 -15.46 -19.54 -0.72
CA PRO A 151 -16.25 -20.75 -1.00
C PRO A 151 -17.49 -20.41 -1.82
N MET A 152 -17.72 -21.24 -2.87
CA MET A 152 -18.81 -21.09 -3.83
C MET A 152 -18.49 -20.10 -4.96
N SER A 153 -17.30 -19.50 -4.93
CA SER A 153 -16.91 -18.60 -6.01
C SER A 153 -15.53 -18.97 -6.53
N SER A 154 -15.33 -20.23 -6.94
CA SER A 154 -14.04 -20.68 -7.43
C SER A 154 -13.56 -19.91 -8.65
N ALA A 155 -14.45 -19.55 -9.59
CA ALA A 155 -13.96 -18.84 -10.76
C ALA A 155 -13.44 -17.45 -10.40
N TYR A 156 -14.15 -16.78 -9.49
CA TYR A 156 -13.74 -15.47 -9.01
C TYR A 156 -12.35 -15.55 -8.34
N THR A 157 -12.19 -16.47 -7.36
CA THR A 157 -10.93 -16.66 -6.64
C THR A 157 -9.82 -16.96 -7.65
N SER A 158 -10.05 -17.90 -8.57
CA SER A 158 -9.06 -18.27 -9.57
C SER A 158 -8.64 -17.06 -10.43
N ALA A 159 -9.63 -16.30 -10.92
CA ALA A 159 -9.35 -15.15 -11.76
C ALA A 159 -8.55 -14.08 -11.00
N LYS A 160 -8.92 -13.82 -9.73
CA LYS A 160 -8.27 -12.77 -8.95
C LYS A 160 -6.84 -13.18 -8.58
N HIS A 161 -6.63 -14.48 -8.32
CA HIS A 161 -5.28 -15.03 -8.21
C HIS A 161 -4.47 -14.76 -9.48
N ALA A 162 -5.07 -15.07 -10.63
CA ALA A 162 -4.42 -14.87 -11.93
C ALA A 162 -4.05 -13.41 -12.19
N VAL A 163 -4.89 -12.46 -11.77
CA VAL A 163 -4.57 -11.05 -11.85
C VAL A 163 -3.33 -10.67 -11.02
N VAL A 164 -3.19 -11.26 -9.84
CA VAL A 164 -2.00 -11.04 -9.02
C VAL A 164 -0.75 -11.55 -9.75
N GLY A 165 -0.79 -12.75 -10.35
CA GLY A 165 0.33 -13.28 -11.13
C GLY A 165 0.70 -12.37 -12.30
N LEU A 166 -0.33 -11.94 -13.07
CA LEU A 166 -0.13 -11.09 -14.21
C LEU A 166 0.57 -9.81 -13.75
N THR A 167 0.10 -9.25 -12.64
CA THR A 167 0.66 -8.02 -12.09
C THR A 167 2.16 -8.20 -11.79
N LYS A 168 2.50 -9.30 -11.12
CA LYS A 168 3.89 -9.52 -10.77
C LYS A 168 4.74 -9.56 -12.05
N ASN A 169 4.23 -10.27 -13.06
CA ASN A 169 4.93 -10.47 -14.32
C ASN A 169 5.18 -9.15 -15.05
N ILE A 170 4.16 -8.28 -15.14
CA ILE A 170 4.31 -6.99 -15.79
C ILE A 170 5.31 -6.14 -15.00
N GLY A 171 5.16 -6.09 -13.66
CA GLY A 171 6.10 -5.32 -12.84
C GLY A 171 7.56 -5.74 -13.05
N ALA A 172 7.80 -7.06 -13.08
CA ALA A 172 9.13 -7.60 -13.27
C ALA A 172 9.65 -7.30 -14.69
N GLU A 173 8.81 -7.48 -15.70
CA GLU A 173 9.21 -7.36 -17.10
C GLU A 173 9.52 -5.90 -17.46
N TYR A 174 8.73 -4.93 -16.97
CA TYR A 174 8.84 -3.54 -17.40
C TYR A 174 9.53 -2.64 -16.40
N GLY A 175 10.17 -3.24 -15.40
CA GLY A 175 10.89 -2.52 -14.36
C GLY A 175 11.81 -1.42 -14.89
N GLN A 176 12.53 -1.73 -15.96
CA GLN A 176 13.49 -0.78 -16.51
C GLN A 176 12.91 -0.13 -17.75
N LYS A 177 11.60 -0.25 -17.97
CA LYS A 177 10.94 0.43 -19.07
C LYS A 177 9.99 1.51 -18.58
N ASN A 178 10.08 1.87 -17.29
CA ASN A 178 9.30 2.95 -16.71
C ASN A 178 7.80 2.67 -16.76
N ILE A 179 7.40 1.40 -16.72
CA ILE A 179 6.01 1.04 -16.51
C ILE A 179 5.94 0.26 -15.18
N ARG A 180 5.17 0.76 -14.22
CA ARG A 180 4.90 0.05 -12.97
C ARG A 180 3.52 -0.59 -13.01
N CYS A 181 3.37 -1.75 -12.33
CA CYS A 181 2.10 -2.45 -12.24
C CYS A 181 1.94 -3.04 -10.83
N ASN A 182 0.81 -2.75 -10.20
CA ASN A 182 0.49 -3.21 -8.86
C ASN A 182 -0.98 -3.63 -8.80
N ALA A 183 -1.30 -4.48 -7.82
CA ALA A 183 -2.63 -5.03 -7.64
C ALA A 183 -3.19 -4.63 -6.28
N VAL A 184 -4.45 -4.21 -6.27
CA VAL A 184 -5.15 -3.87 -5.04
C VAL A 184 -6.10 -5.01 -4.70
N GLY A 185 -6.11 -5.39 -3.41
CA GLY A 185 -6.95 -6.48 -2.94
C GLY A 185 -7.97 -5.98 -1.90
N PRO A 186 -9.13 -5.46 -2.31
CA PRO A 186 -10.14 -5.06 -1.35
C PRO A 186 -10.83 -6.23 -0.64
N GLY A 187 -11.16 -5.96 0.63
CA GLY A 187 -12.11 -6.79 1.34
C GLY A 187 -13.52 -6.46 0.87
N TYR A 188 -14.52 -6.79 1.68
CA TYR A 188 -15.92 -6.58 1.29
C TYR A 188 -16.26 -5.11 1.46
N ILE A 189 -16.83 -4.56 0.39
CA ILE A 189 -17.03 -3.14 0.30
C ILE A 189 -18.53 -2.89 0.19
N ASP A 190 -19.00 -1.83 0.85
CA ASP A 190 -20.42 -1.49 0.79
C ASP A 190 -20.75 -0.88 -0.58
N THR A 191 -21.30 -1.71 -1.47
CA THR A 191 -21.84 -1.29 -2.74
C THR A 191 -23.36 -1.44 -2.73
N PRO A 192 -24.07 -1.00 -3.80
CA PRO A 192 -25.49 -1.32 -3.97
C PRO A 192 -25.72 -2.82 -4.16
N LEU A 193 -24.82 -3.50 -4.91
CA LEU A 193 -24.88 -4.96 -5.11
C LEU A 193 -24.91 -5.70 -3.76
N LEU A 194 -24.25 -5.15 -2.74
CA LEU A 194 -24.18 -5.74 -1.40
C LEU A 194 -25.56 -5.67 -0.74
N ALA A 195 -26.35 -4.63 -1.07
CA ALA A 195 -27.69 -4.48 -0.53
C ALA A 195 -28.60 -5.58 -1.06
N LYS A 196 -28.16 -6.32 -2.09
CA LYS A 196 -28.94 -7.42 -2.63
C LYS A 196 -28.74 -8.71 -1.81
N LEU A 197 -27.66 -8.80 -1.02
CA LEU A 197 -27.45 -9.92 -0.12
C LEU A 197 -28.33 -9.73 1.11
N ASP A 198 -28.70 -10.86 1.74
CA ASP A 198 -29.54 -10.88 2.93
C ASP A 198 -28.75 -10.29 4.10
N LYS A 199 -29.46 -9.76 5.12
CA LYS A 199 -28.84 -9.04 6.23
C LYS A 199 -28.02 -9.99 7.11
N GLU A 200 -28.50 -11.23 7.28
CA GLU A 200 -27.80 -12.26 8.03
C GLU A 200 -26.44 -12.55 7.38
N HIS A 201 -26.44 -12.61 6.03
CA HIS A 201 -25.23 -12.85 5.25
C HIS A 201 -24.28 -11.67 5.40
N ILE A 202 -24.82 -10.45 5.51
CA ILE A 202 -24.02 -9.22 5.62
C ILE A 202 -23.35 -9.19 7.00
N ASN A 203 -24.06 -9.62 8.06
CA ASN A 203 -23.48 -9.63 9.40
C ASN A 203 -22.30 -10.60 9.45
N ALA A 204 -22.49 -11.77 8.82
CA ALA A 204 -21.46 -12.78 8.76
C ALA A 204 -20.22 -12.20 8.06
N LEU A 205 -20.42 -11.43 6.97
CA LEU A 205 -19.29 -10.87 6.25
C LEU A 205 -18.55 -9.92 7.16
N ILE A 206 -19.32 -9.10 7.90
CA ILE A 206 -18.78 -8.06 8.77
C ILE A 206 -17.92 -8.74 9.82
N SER A 207 -18.40 -9.87 10.37
CA SER A 207 -17.71 -10.58 11.44
C SER A 207 -16.37 -11.12 10.95
N LYS A 208 -16.21 -11.25 9.65
CA LYS A 208 -14.95 -11.74 9.11
C LYS A 208 -13.94 -10.60 8.97
N HIS A 209 -14.34 -9.34 9.21
CA HIS A 209 -13.41 -8.22 9.13
C HIS A 209 -13.11 -7.76 10.55
N PRO A 210 -11.86 -7.94 11.06
CA PRO A 210 -11.48 -7.43 12.38
C PRO A 210 -11.83 -5.97 12.65
N ILE A 211 -11.80 -5.12 11.61
CA ILE A 211 -12.13 -3.72 11.80
C ILE A 211 -13.62 -3.54 12.17
N GLY A 212 -14.46 -4.54 11.91
CA GLY A 212 -15.79 -4.57 12.48
C GLY A 212 -16.82 -3.82 11.61
N ARG A 213 -16.45 -3.51 10.35
CA ARG A 213 -17.36 -2.89 9.41
C ARG A 213 -16.97 -3.35 7.99
N LEU A 214 -17.87 -3.16 7.04
CA LEU A 214 -17.55 -3.18 5.62
C LEU A 214 -16.79 -1.90 5.24
N GLY A 215 -16.04 -2.03 4.13
CA GLY A 215 -15.29 -0.91 3.61
C GLY A 215 -16.17 0.03 2.76
N LYS A 216 -15.63 1.23 2.47
CA LYS A 216 -16.27 2.14 1.51
C LYS A 216 -15.43 2.24 0.24
N ALA A 217 -16.13 2.49 -0.89
CA ALA A 217 -15.50 2.55 -2.20
C ALA A 217 -14.42 3.61 -2.20
N GLU A 218 -14.64 4.70 -1.45
CA GLU A 218 -13.69 5.79 -1.38
C GLU A 218 -12.39 5.34 -0.73
N GLU A 219 -12.49 4.42 0.23
CA GLU A 219 -11.32 3.92 0.94
C GLU A 219 -10.44 3.09 0.00
N VAL A 220 -11.05 2.36 -0.94
CA VAL A 220 -10.26 1.61 -1.93
C VAL A 220 -9.62 2.61 -2.90
N ALA A 221 -10.39 3.63 -3.29
CA ALA A 221 -9.93 4.61 -4.26
C ALA A 221 -8.70 5.37 -3.76
N GLU A 222 -8.59 5.59 -2.46
CA GLU A 222 -7.44 6.27 -1.89
C GLU A 222 -6.19 5.46 -2.17
N LEU A 223 -6.26 4.13 -1.99
CA LEU A 223 -5.10 3.27 -2.24
C LEU A 223 -4.74 3.23 -3.73
N VAL A 224 -5.75 3.09 -4.59
CA VAL A 224 -5.55 3.12 -6.03
C VAL A 224 -4.88 4.43 -6.47
N LEU A 225 -5.35 5.55 -5.92
CA LEU A 225 -4.79 6.85 -6.22
C LEU A 225 -3.31 6.86 -5.89
N PHE A 226 -2.94 6.38 -4.69
CA PHE A 226 -1.57 6.39 -4.26
C PHE A 226 -0.69 5.63 -5.26
N LEU A 227 -1.15 4.41 -5.57
CA LEU A 227 -0.42 3.48 -6.40
C LEU A 227 -0.36 3.95 -7.85
N SER A 228 -1.25 4.87 -8.21
CA SER A 228 -1.31 5.49 -9.52
C SER A 228 -0.40 6.71 -9.64
N SER A 229 -0.01 7.32 -8.51
CA SER A 229 0.75 8.57 -8.48
C SER A 229 2.25 8.27 -8.50
N ASP A 230 3.03 9.35 -8.62
CA ASP A 230 4.49 9.30 -8.53
C ASP A 230 4.99 9.03 -7.12
N LYS A 231 4.14 9.15 -6.09
CA LYS A 231 4.52 8.84 -4.71
C LYS A 231 4.92 7.37 -4.54
N SER A 232 4.35 6.47 -5.36
CA SER A 232 4.59 5.04 -5.27
C SER A 232 5.67 4.62 -6.26
N SER A 233 6.62 5.53 -6.57
CA SER A 233 7.61 5.30 -7.62
C SER A 233 8.54 4.10 -7.39
N PHE A 234 8.73 3.60 -6.16
CA PHE A 234 9.56 2.41 -5.98
C PHE A 234 8.72 1.12 -5.81
N MET A 235 7.42 1.20 -6.06
CA MET A 235 6.50 0.09 -5.82
C MET A 235 6.04 -0.47 -7.15
N THR A 236 6.39 -1.74 -7.42
CA THR A 236 5.97 -2.41 -8.63
C THR A 236 5.97 -3.92 -8.37
N GLY A 237 5.08 -4.60 -9.09
CA GLY A 237 4.86 -6.04 -8.99
C GLY A 237 4.22 -6.45 -7.65
N GLY A 238 3.67 -5.51 -6.88
CA GLY A 238 3.22 -5.80 -5.55
C GLY A 238 1.70 -6.03 -5.48
N TYR A 239 1.27 -6.56 -4.34
CA TYR A 239 -0.12 -6.82 -4.04
C TYR A 239 -0.42 -6.15 -2.72
N TYR A 240 -1.43 -5.27 -2.73
CA TYR A 240 -1.69 -4.32 -1.66
C TYR A 240 -3.12 -4.46 -1.16
N LEU A 241 -3.27 -4.98 0.06
CA LEU A 241 -4.56 -5.23 0.68
C LEU A 241 -5.20 -3.95 1.19
N VAL A 242 -6.53 -3.91 1.05
CA VAL A 242 -7.38 -2.92 1.68
C VAL A 242 -8.60 -3.66 2.23
N ASP A 243 -8.44 -4.36 3.37
CA ASP A 243 -9.36 -5.46 3.69
C ASP A 243 -9.83 -5.43 5.15
N GLY A 244 -9.57 -4.33 5.87
CA GLY A 244 -9.95 -4.23 7.27
C GLY A 244 -9.43 -5.39 8.13
N GLY A 245 -8.31 -6.01 7.72
CA GLY A 245 -7.69 -7.09 8.48
C GLY A 245 -8.14 -8.50 8.12
N TYR A 246 -8.97 -8.63 7.08
CA TYR A 246 -9.63 -9.89 6.74
C TYR A 246 -8.60 -11.00 6.56
N THR A 247 -7.52 -10.71 5.83
CA THR A 247 -6.52 -11.71 5.47
C THR A 247 -5.49 -11.87 6.59
N ALA A 248 -5.53 -11.03 7.62
CA ALA A 248 -4.55 -11.08 8.69
C ALA A 248 -4.81 -12.27 9.64
N VAL A 249 -6.03 -12.82 9.66
CA VAL A 249 -6.45 -13.92 10.52
C VAL A 249 -6.75 -15.15 9.65
N MET B 1 -4.61 21.50 2.37
CA MET B 1 -4.44 21.26 3.82
C MET B 1 -3.44 20.14 4.02
N LYS B 2 -2.83 20.11 5.21
CA LYS B 2 -1.75 19.21 5.57
C LYS B 2 -2.35 17.94 6.17
N ILE B 3 -2.00 16.79 5.60
CA ILE B 3 -2.78 15.59 5.85
C ILE B 3 -2.61 15.13 7.30
N LEU B 4 -1.52 15.51 8.00
CA LEU B 4 -1.33 15.12 9.40
C LEU B 4 -1.46 16.32 10.35
N ALA B 5 -2.16 17.37 9.93
CA ALA B 5 -2.23 18.60 10.71
C ALA B 5 -2.72 18.30 12.12
N ASP B 6 -1.94 18.72 13.13
CA ASP B 6 -2.35 18.61 14.53
C ASP B 6 -2.17 17.20 15.09
N LYS B 7 -1.63 16.26 14.31
CA LYS B 7 -1.35 14.92 14.81
C LYS B 7 -0.04 14.95 15.60
N VAL B 8 0.07 14.03 16.56
CA VAL B 8 1.36 13.89 17.31
C VAL B 8 2.00 12.58 16.81
N ALA B 9 3.18 12.67 16.21
CA ALA B 9 3.81 11.47 15.59
C ALA B 9 5.17 11.17 16.21
N LEU B 10 5.45 9.90 16.49
CA LEU B 10 6.78 9.52 17.02
C LEU B 10 7.49 8.61 16.01
N VAL B 11 8.74 8.91 15.69
CA VAL B 11 9.52 8.02 14.79
C VAL B 11 10.75 7.51 15.57
N THR B 12 10.98 6.21 15.58
CA THR B 12 12.17 5.65 16.25
C THR B 12 13.30 5.59 15.25
N GLY B 13 14.53 5.76 15.72
CA GLY B 13 15.70 5.75 14.84
C GLY B 13 15.64 6.81 13.74
N SER B 14 15.16 8.01 14.10
CA SER B 14 14.86 9.03 13.10
C SER B 14 16.00 10.04 12.95
N GLY B 15 17.21 9.66 13.39
CA GLY B 15 18.38 10.47 13.22
C GLY B 15 19.05 10.30 11.85
N SER B 16 18.84 9.16 11.17
CA SER B 16 19.33 8.99 9.80
C SER B 16 18.42 8.06 8.98
N GLY B 17 18.75 7.94 7.69
CA GLY B 17 18.21 6.97 6.75
C GLY B 17 16.69 7.09 6.60
N ILE B 18 16.01 5.94 6.60
CA ILE B 18 14.58 5.94 6.32
C ILE B 18 13.85 6.73 7.40
N GLY B 19 14.25 6.53 8.66
CA GLY B 19 13.59 7.18 9.79
C GLY B 19 13.61 8.72 9.71
N LEU B 20 14.72 9.27 9.21
CA LEU B 20 14.87 10.70 8.95
C LEU B 20 13.89 11.15 7.88
N ALA B 21 13.84 10.40 6.77
CA ALA B 21 12.90 10.68 5.69
C ALA B 21 11.45 10.62 6.18
N VAL B 22 11.13 9.64 7.04
CA VAL B 22 9.79 9.55 7.60
C VAL B 22 9.48 10.77 8.46
N ALA B 23 10.41 11.11 9.37
CA ALA B 23 10.19 12.27 10.27
C ALA B 23 10.00 13.59 9.49
N LEU B 24 10.82 13.79 8.46
CA LEU B 24 10.70 14.94 7.57
C LEU B 24 9.33 14.97 6.88
N ALA B 25 8.89 13.83 6.31
CA ALA B 25 7.56 13.79 5.71
C ALA B 25 6.48 14.08 6.75
N TYR B 26 6.60 13.52 7.95
CA TYR B 26 5.59 13.79 8.97
C TYR B 26 5.56 15.30 9.28
N GLY B 27 6.75 15.89 9.50
CA GLY B 27 6.93 17.31 9.77
C GLY B 27 6.33 18.17 8.64
N LYS B 28 6.66 17.90 7.38
CA LYS B 28 6.12 18.63 6.24
C LYS B 28 4.59 18.62 6.23
N GLU B 29 3.97 17.53 6.69
CA GLU B 29 2.52 17.37 6.64
C GLU B 29 1.83 17.83 7.92
N GLY B 30 2.60 18.51 8.81
CA GLY B 30 2.02 19.31 9.87
C GLY B 30 1.92 18.58 11.20
N ALA B 31 2.62 17.45 11.33
CA ALA B 31 2.58 16.71 12.57
C ALA B 31 3.56 17.37 13.54
N LYS B 32 3.24 17.27 14.82
CA LYS B 32 4.23 17.45 15.86
C LYS B 32 4.99 16.14 16.03
N VAL B 33 6.33 16.21 15.84
CA VAL B 33 7.14 15.02 15.65
C VAL B 33 8.11 14.84 16.82
N VAL B 34 8.06 13.64 17.43
CA VAL B 34 9.07 13.19 18.38
C VAL B 34 10.11 12.30 17.69
N ILE B 35 11.36 12.80 17.66
CA ILE B 35 12.50 12.12 17.10
C ILE B 35 13.14 11.34 18.24
N SER B 36 13.37 10.05 18.00
CA SER B 36 14.08 9.20 18.93
C SER B 36 15.27 8.54 18.23
N ASP B 37 16.40 8.46 18.94
CA ASP B 37 17.61 7.86 18.43
C ASP B 37 18.58 7.66 19.59
N ILE B 38 19.52 6.75 19.37
CA ILE B 38 20.58 6.42 20.29
C ILE B 38 21.71 7.45 20.10
N ASN B 39 21.73 8.12 18.94
CA ASN B 39 22.72 9.12 18.61
C ASN B 39 22.10 10.52 18.67
N GLU B 40 22.48 11.30 19.71
CA GLU B 40 21.89 12.61 20.01
C GLU B 40 22.17 13.62 18.90
N GLN B 41 23.38 13.60 18.35
CA GLN B 41 23.74 14.59 17.36
C GLN B 41 22.87 14.41 16.10
N ALA B 42 22.73 13.16 15.67
CA ALA B 42 21.93 12.87 14.49
C ALA B 42 20.50 13.31 14.76
N GLY B 43 19.96 12.93 15.93
CA GLY B 43 18.58 13.23 16.30
C GLY B 43 18.35 14.73 16.36
N ASN B 44 19.28 15.44 17.02
CA ASN B 44 19.21 16.88 17.13
C ASN B 44 19.25 17.51 15.74
N GLU B 45 20.09 16.97 14.87
CA GLU B 45 20.11 17.45 13.49
C GLU B 45 18.75 17.24 12.81
N THR B 46 18.08 16.10 13.06
CA THR B 46 16.80 15.87 12.39
C THR B 46 15.78 16.93 12.85
N VAL B 47 15.75 17.21 14.16
CA VAL B 47 14.87 18.21 14.75
C VAL B 47 15.11 19.55 14.06
N LYS B 48 16.38 19.89 13.85
CA LYS B 48 16.73 21.19 13.33
C LYS B 48 16.19 21.32 11.90
N GLN B 49 16.31 20.27 11.08
CA GLN B 49 15.80 20.30 9.71
C GLN B 49 14.28 20.44 9.68
N ILE B 50 13.56 19.76 10.61
CA ILE B 50 12.11 19.89 10.60
C ILE B 50 11.76 21.34 10.94
N GLU B 51 12.50 21.91 11.91
CA GLU B 51 12.28 23.30 12.35
C GLU B 51 12.52 24.26 11.18
N SER B 52 13.61 24.04 10.41
CA SER B 52 13.92 24.88 9.27
C SER B 52 12.88 24.77 8.13
N LEU B 53 12.06 23.71 8.09
CA LEU B 53 10.92 23.67 7.18
C LEU B 53 9.73 24.37 7.80
N GLY B 54 9.81 24.70 9.10
CA GLY B 54 8.71 25.32 9.82
C GLY B 54 7.81 24.32 10.55
N GLY B 55 8.18 23.03 10.59
CA GLY B 55 7.48 22.08 11.42
C GLY B 55 7.89 22.17 12.89
N GLU B 56 7.22 21.40 13.76
CA GLU B 56 7.56 21.29 15.17
C GLU B 56 8.12 19.89 15.48
N ALA B 57 9.26 19.83 16.18
CA ALA B 57 9.91 18.58 16.48
C ALA B 57 10.70 18.66 17.80
N VAL B 58 10.70 17.56 18.56
CA VAL B 58 11.54 17.43 19.74
C VAL B 58 12.33 16.13 19.61
N PHE B 59 13.47 16.07 20.32
CA PHE B 59 14.32 14.90 20.40
C PHE B 59 14.24 14.25 21.79
N PHE B 60 14.18 12.92 21.81
CA PHE B 60 14.26 12.14 23.03
C PHE B 60 15.22 10.99 22.78
N LYS B 61 16.28 10.92 23.58
CA LYS B 61 17.29 9.88 23.48
C LYS B 61 16.72 8.60 24.08
N ALA B 62 16.80 7.51 23.30
CA ALA B 62 16.27 6.23 23.77
C ALA B 62 16.93 5.06 23.04
N ASP B 63 17.11 3.97 23.79
CA ASP B 63 17.50 2.68 23.22
C ASP B 63 16.24 1.85 22.99
N SER B 64 15.96 1.59 21.71
CA SER B 64 14.76 0.87 21.27
C SER B 64 14.60 -0.48 21.95
N SER B 65 15.74 -1.11 22.28
CA SER B 65 15.69 -2.43 22.87
C SER B 65 15.22 -2.41 24.32
N SER B 66 15.08 -1.21 24.91
CA SER B 66 14.77 -1.10 26.33
C SER B 66 13.29 -0.86 26.55
N PRO B 67 12.60 -1.70 27.35
CA PRO B 67 11.20 -1.41 27.71
C PRO B 67 10.98 -0.07 28.42
N ALA B 68 11.84 0.27 29.39
CA ALA B 68 11.73 1.54 30.12
C ALA B 68 11.92 2.73 29.18
N ASP B 69 12.91 2.67 28.28
CA ASP B 69 13.09 3.75 27.33
C ASP B 69 11.87 3.94 26.45
N ASN B 70 11.21 2.85 26.00
CA ASN B 70 10.06 2.97 25.12
C ASN B 70 8.88 3.62 25.86
N GLU B 71 8.66 3.19 27.10
CA GLU B 71 7.59 3.72 27.90
C GLU B 71 7.84 5.21 28.16
N ALA B 72 9.10 5.59 28.36
CA ALA B 72 9.46 6.97 28.68
C ALA B 72 9.31 7.85 27.45
N LEU B 73 9.70 7.32 26.29
CA LEU B 73 9.52 8.01 25.03
C LEU B 73 8.05 8.33 24.78
N VAL B 74 7.15 7.36 24.93
CA VAL B 74 5.74 7.61 24.71
C VAL B 74 5.17 8.57 25.77
N GLY B 75 5.58 8.38 27.02
CA GLY B 75 5.21 9.27 28.12
C GLY B 75 5.61 10.71 27.79
N TYR B 76 6.83 10.84 27.24
CA TYR B 76 7.35 12.13 26.82
C TYR B 76 6.49 12.77 25.75
N ALA B 77 6.01 11.97 24.79
CA ALA B 77 5.20 12.50 23.71
C ALA B 77 3.86 13.03 24.25
N VAL B 78 3.25 12.26 25.12
CA VAL B 78 1.95 12.61 25.67
C VAL B 78 2.08 13.86 26.56
N LYS B 79 3.14 13.91 27.37
CA LYS B 79 3.40 15.07 28.23
C LYS B 79 3.67 16.32 27.40
N THR B 80 4.51 16.22 26.37
CA THR B 80 4.89 17.40 25.60
C THR B 80 3.75 17.86 24.69
N PHE B 81 2.94 16.95 24.13
CA PHE B 81 1.97 17.39 23.12
C PHE B 81 0.54 17.06 23.49
N GLY B 82 0.30 16.37 24.61
CA GLY B 82 -1.05 16.08 25.06
C GLY B 82 -1.58 14.71 24.59
N ARG B 83 -0.91 14.06 23.63
CA ARG B 83 -1.46 12.82 23.08
C ARG B 83 -0.45 12.17 22.13
N LEU B 84 -0.74 10.92 21.69
CA LEU B 84 -0.01 10.24 20.64
C LEU B 84 -1.03 9.68 19.63
N ASP B 85 -0.91 10.09 18.37
CA ASP B 85 -1.79 9.68 17.28
C ASP B 85 -1.11 8.66 16.34
N ILE B 86 0.20 8.76 16.15
CA ILE B 86 0.93 8.06 15.10
C ILE B 86 2.25 7.60 15.68
N ALA B 87 2.64 6.35 15.38
CA ALA B 87 3.99 5.89 15.67
C ALA B 87 4.57 5.09 14.49
N CYS B 88 5.85 5.38 14.18
CA CYS B 88 6.64 4.58 13.25
C CYS B 88 7.84 3.93 13.95
N ASN B 89 7.80 2.60 14.03
CA ASN B 89 8.86 1.80 14.64
C ASN B 89 9.90 1.44 13.58
N ASN B 90 10.97 2.24 13.50
CA ASN B 90 11.92 2.22 12.41
C ASN B 90 13.29 1.75 12.89
N ALA B 91 13.60 1.98 14.15
CA ALA B 91 14.96 1.74 14.62
C ALA B 91 15.31 0.26 14.39
N GLY B 92 16.49 0.01 13.78
CA GLY B 92 16.97 -1.34 13.58
C GLY B 92 18.45 -1.36 13.22
N ILE B 93 19.09 -2.54 13.32
CA ILE B 93 20.47 -2.70 12.91
C ILE B 93 20.57 -3.90 11.97
N GLY B 94 21.65 -3.94 11.19
CA GLY B 94 21.86 -4.99 10.23
C GLY B 94 22.41 -6.26 10.86
N GLY B 95 23.23 -6.11 11.91
CA GLY B 95 23.84 -7.23 12.61
C GLY B 95 25.10 -7.73 11.93
N GLU B 96 25.76 -8.70 12.56
CA GLU B 96 26.98 -9.29 12.02
C GLU B 96 26.60 -10.15 10.82
N ALA B 97 27.58 -10.29 9.91
CA ALA B 97 27.47 -11.13 8.73
C ALA B 97 28.13 -12.48 9.01
N ALA B 98 27.30 -13.53 9.11
CA ALA B 98 27.78 -14.85 9.44
C ALA B 98 26.71 -15.87 9.02
N LEU B 99 27.15 -17.07 8.64
CA LEU B 99 26.25 -18.20 8.48
C LEU B 99 25.58 -18.51 9.82
N THR B 100 24.36 -19.07 9.78
CA THR B 100 23.60 -19.30 11.01
C THR B 100 24.44 -20.10 12.03
N GLY B 101 25.10 -21.16 11.58
CA GLY B 101 25.95 -22.00 12.44
C GLY B 101 27.05 -21.18 13.14
N ASP B 102 27.53 -20.11 12.49
CA ASP B 102 28.63 -19.32 13.01
C ASP B 102 28.13 -18.07 13.73
N TYR B 103 26.82 -17.86 13.78
CA TYR B 103 26.31 -16.62 14.34
C TYR B 103 26.64 -16.58 15.84
N SER B 104 27.26 -15.48 16.33
CA SER B 104 27.64 -15.35 17.73
C SER B 104 26.38 -15.21 18.59
N LEU B 105 26.40 -15.78 19.80
CA LEU B 105 25.28 -15.69 20.74
C LEU B 105 24.97 -14.23 21.08
N ASP B 106 26.00 -13.40 21.24
CA ASP B 106 25.81 -12.02 21.67
C ASP B 106 25.27 -11.19 20.51
N GLY B 107 25.84 -11.41 19.30
CA GLY B 107 25.38 -10.73 18.09
C GLY B 107 23.91 -11.07 17.78
N TRP B 108 23.55 -12.34 17.97
CA TRP B 108 22.19 -12.78 17.75
C TRP B 108 21.24 -11.98 18.64
N LYS B 109 21.51 -12.02 19.95
CA LYS B 109 20.67 -11.40 20.96
C LYS B 109 20.54 -9.90 20.70
N LYS B 110 21.61 -9.27 20.21
CA LYS B 110 21.55 -7.82 20.05
C LYS B 110 20.56 -7.49 18.93
N VAL B 111 20.66 -8.20 17.79
CA VAL B 111 19.76 -7.98 16.67
C VAL B 111 18.31 -8.30 17.08
N ILE B 112 18.09 -9.39 17.80
CA ILE B 112 16.73 -9.74 18.22
C ILE B 112 16.18 -8.66 19.16
N ASP B 113 17.03 -8.18 20.08
CA ASP B 113 16.60 -7.22 21.08
C ASP B 113 16.18 -5.91 20.44
N ILE B 114 16.93 -5.44 19.44
CA ILE B 114 16.62 -4.14 18.84
C ILE B 114 15.48 -4.29 17.84
N ASN B 115 15.63 -5.26 16.92
CA ASN B 115 14.78 -5.34 15.74
C ASN B 115 13.44 -6.06 15.99
N PHE B 116 13.35 -6.90 17.03
CA PHE B 116 12.14 -7.69 17.30
C PHE B 116 11.53 -7.21 18.62
N ASN B 117 12.20 -7.52 19.74
CA ASN B 117 11.70 -7.18 21.06
C ASN B 117 11.40 -5.68 21.20
N GLY B 118 12.31 -4.85 20.69
CA GLY B 118 12.16 -3.41 20.76
C GLY B 118 10.92 -2.90 20.03
N VAL B 119 10.57 -3.49 18.89
CA VAL B 119 9.37 -3.07 18.17
C VAL B 119 8.16 -3.40 19.03
N PHE B 120 8.18 -4.55 19.68
CA PHE B 120 7.07 -4.88 20.55
C PHE B 120 6.98 -3.90 21.72
N TYR B 121 8.12 -3.59 22.35
CA TYR B 121 8.12 -2.67 23.49
C TYR B 121 7.54 -1.32 23.07
N GLY B 122 7.98 -0.81 21.91
CA GLY B 122 7.40 0.40 21.34
C GLY B 122 5.90 0.28 21.16
N CYS B 123 5.43 -0.76 20.44
CA CYS B 123 4.02 -0.91 20.16
C CYS B 123 3.20 -1.00 21.44
N LYS B 124 3.69 -1.77 22.43
CA LYS B 124 2.95 -1.94 23.66
C LYS B 124 2.56 -0.58 24.27
N TYR B 125 3.56 0.29 24.48
CA TYR B 125 3.35 1.58 25.16
C TYR B 125 2.64 2.58 24.25
N GLN B 126 2.90 2.49 22.94
CA GLN B 126 2.18 3.30 21.96
C GLN B 126 0.68 2.96 21.99
N ILE B 127 0.35 1.66 22.02
CA ILE B 127 -1.05 1.25 22.07
C ILE B 127 -1.72 1.83 23.32
N GLU B 128 -1.04 1.68 24.46
CA GLU B 128 -1.59 2.16 25.72
C GLU B 128 -1.99 3.64 25.63
N ALA B 129 -1.08 4.48 25.11
CA ALA B 129 -1.32 5.90 24.95
C ALA B 129 -2.47 6.13 23.96
N MET B 130 -2.48 5.39 22.83
CA MET B 130 -3.47 5.64 21.79
C MET B 130 -4.87 5.30 22.32
N GLU B 131 -5.02 4.25 23.12
CA GLU B 131 -6.32 3.91 23.69
C GLU B 131 -6.87 5.04 24.56
N ARG B 132 -6.01 5.78 25.27
CA ARG B 132 -6.43 6.90 26.10
C ARG B 132 -6.91 8.03 25.19
N ASN B 133 -6.31 8.15 24.01
CA ASN B 133 -6.56 9.21 23.03
C ASN B 133 -7.78 8.89 22.17
N GLY B 134 -8.38 7.70 22.28
CA GLY B 134 -9.45 7.33 21.36
C GLY B 134 -8.98 6.72 20.03
N GLY B 135 -7.69 6.37 19.92
CA GLY B 135 -7.22 5.63 18.75
C GLY B 135 -5.91 6.20 18.22
N GLY B 136 -5.43 5.62 17.13
CA GLY B 136 -4.14 5.98 16.57
C GLY B 136 -3.75 5.00 15.46
N VAL B 137 -2.52 5.18 14.97
CA VAL B 137 -2.03 4.45 13.83
C VAL B 137 -0.56 4.15 14.05
N ILE B 138 -0.22 2.89 13.85
CA ILE B 138 1.16 2.44 13.92
C ILE B 138 1.59 1.92 12.57
N VAL B 139 2.83 2.27 12.20
CA VAL B 139 3.53 1.70 11.07
C VAL B 139 4.81 1.08 11.60
N ASN B 140 4.94 -0.23 11.41
CA ASN B 140 6.16 -0.94 11.75
C ASN B 140 7.05 -1.09 10.53
N MET B 141 8.36 -0.84 10.69
CA MET B 141 9.32 -0.96 9.59
C MET B 141 9.85 -2.38 9.54
N ALA B 142 9.37 -3.13 8.56
CA ALA B 142 9.89 -4.45 8.35
C ALA B 142 10.94 -4.34 7.25
N SER B 143 10.82 -5.20 6.24
CA SER B 143 11.81 -5.37 5.18
C SER B 143 11.21 -6.33 4.15
N ILE B 144 11.83 -6.37 2.98
CA ILE B 144 11.71 -7.55 2.11
C ILE B 144 12.08 -8.83 2.88
N HIS B 145 12.98 -8.73 3.88
CA HIS B 145 13.45 -9.87 4.65
C HIS B 145 12.45 -10.24 5.75
N GLY B 146 11.28 -9.58 5.75
CA GLY B 146 10.10 -10.07 6.44
C GLY B 146 9.39 -11.17 5.68
N THR B 147 9.82 -11.43 4.43
CA THR B 147 9.23 -12.50 3.65
C THR B 147 10.26 -13.34 2.88
N VAL B 148 11.47 -12.82 2.58
CA VAL B 148 12.47 -13.63 1.88
C VAL B 148 13.81 -13.55 2.65
N ALA B 149 14.62 -14.59 2.47
CA ALA B 149 15.85 -14.76 3.20
C ALA B 149 16.91 -13.73 2.80
N ALA B 150 17.78 -13.44 3.77
CA ALA B 150 18.98 -12.63 3.60
C ALA B 150 20.17 -13.47 4.06
N PRO B 151 20.78 -14.30 3.18
CA PRO B 151 21.88 -15.18 3.60
C PRO B 151 22.98 -14.37 4.32
N MET B 152 23.48 -14.90 5.45
CA MET B 152 24.45 -14.29 6.39
C MET B 152 23.80 -13.36 7.41
N SER B 153 22.49 -13.11 7.31
CA SER B 153 21.77 -12.27 8.26
C SER B 153 20.54 -12.94 8.83
N SER B 154 20.70 -14.12 9.44
CA SER B 154 19.55 -14.91 9.87
C SER B 154 18.79 -14.21 11.01
N ALA B 155 19.52 -13.48 11.86
CA ALA B 155 18.86 -12.78 12.96
C ALA B 155 17.98 -11.66 12.43
N TYR B 156 18.48 -10.91 11.44
CA TYR B 156 17.72 -9.83 10.81
C TYR B 156 16.44 -10.38 10.16
N THR B 157 16.57 -11.42 9.34
CA THR B 157 15.47 -12.00 8.61
C THR B 157 14.42 -12.47 9.62
N SER B 158 14.86 -13.14 10.70
CA SER B 158 13.98 -13.68 11.69
C SER B 158 13.19 -12.57 12.39
N ALA B 159 13.90 -11.52 12.78
CA ALA B 159 13.28 -10.40 13.46
C ALA B 159 12.30 -9.66 12.55
N LYS B 160 12.63 -9.51 11.26
CA LYS B 160 11.74 -8.85 10.32
C LYS B 160 10.49 -9.66 9.99
N HIS B 161 10.59 -10.99 9.91
CA HIS B 161 9.41 -11.86 9.92
C HIS B 161 8.55 -11.65 11.18
N ALA B 162 9.18 -11.55 12.38
CA ALA B 162 8.47 -11.37 13.64
C ALA B 162 7.65 -10.08 13.63
N VAL B 163 8.23 -9.03 13.07
CA VAL B 163 7.55 -7.74 13.00
C VAL B 163 6.28 -7.86 12.15
N VAL B 164 6.36 -8.61 11.05
CA VAL B 164 5.17 -8.83 10.23
C VAL B 164 4.10 -9.56 11.06
N GLY B 165 4.48 -10.58 11.83
CA GLY B 165 3.52 -11.32 12.62
C GLY B 165 2.86 -10.43 13.70
N LEU B 166 3.70 -9.61 14.35
CA LEU B 166 3.23 -8.71 15.38
C LEU B 166 2.22 -7.72 14.85
N THR B 167 2.49 -7.25 13.63
CA THR B 167 1.67 -6.26 12.97
C THR B 167 0.31 -6.88 12.71
N LYS B 168 0.30 -8.12 12.21
CA LYS B 168 -0.95 -8.78 11.91
C LYS B 168 -1.79 -8.92 13.19
N ASN B 169 -1.13 -9.30 14.28
CA ASN B 169 -1.79 -9.48 15.56
C ASN B 169 -2.41 -8.17 16.06
N ILE B 170 -1.64 -7.07 16.01
CA ILE B 170 -2.16 -5.79 16.50
C ILE B 170 -3.36 -5.34 15.66
N GLY B 171 -3.19 -5.39 14.33
CA GLY B 171 -4.27 -4.97 13.45
C GLY B 171 -5.55 -5.75 13.71
N ALA B 172 -5.41 -7.07 13.87
CA ALA B 172 -6.57 -7.91 14.11
C ALA B 172 -7.18 -7.64 15.48
N GLU B 173 -6.32 -7.41 16.49
CA GLU B 173 -6.80 -7.30 17.87
C GLU B 173 -7.57 -5.98 18.10
N TYR B 174 -7.06 -4.87 17.53
CA TYR B 174 -7.55 -3.54 17.84
C TYR B 174 -8.41 -2.95 16.72
N GLY B 175 -8.88 -3.81 15.81
CA GLY B 175 -9.71 -3.38 14.70
C GLY B 175 -10.89 -2.52 15.17
N GLN B 176 -11.61 -3.02 16.18
CA GLN B 176 -12.76 -2.30 16.70
C GLN B 176 -12.38 -1.31 17.81
N LYS B 177 -11.09 -1.06 18.07
CA LYS B 177 -10.71 -0.10 19.10
C LYS B 177 -10.06 1.11 18.44
N ASN B 178 -10.22 1.25 17.13
CA ASN B 178 -9.74 2.38 16.38
C ASN B 178 -8.21 2.55 16.42
N ILE B 179 -7.47 1.43 16.50
CA ILE B 179 -6.04 1.48 16.29
C ILE B 179 -5.74 0.60 15.08
N ARG B 180 -4.99 1.15 14.12
CA ARG B 180 -4.59 0.42 12.93
C ARG B 180 -3.09 0.17 12.99
N CYS B 181 -2.66 -0.98 12.46
CA CYS B 181 -1.24 -1.28 12.46
C CYS B 181 -0.91 -1.96 11.14
N ASN B 182 0.14 -1.47 10.48
CA ASN B 182 0.59 -2.01 9.20
C ASN B 182 2.10 -1.98 9.17
N ALA B 183 2.66 -2.86 8.33
CA ALA B 183 4.11 -3.01 8.19
C ALA B 183 4.52 -2.66 6.77
N VAL B 184 5.68 -2.01 6.67
CA VAL B 184 6.26 -1.62 5.41
C VAL B 184 7.48 -2.50 5.16
N GLY B 185 7.59 -3.01 3.93
CA GLY B 185 8.70 -3.87 3.58
C GLY B 185 9.61 -3.22 2.53
N PRO B 186 10.61 -2.38 2.88
CA PRO B 186 11.49 -1.86 1.84
C PRO B 186 12.44 -2.89 1.23
N GLY B 187 12.73 -2.69 -0.07
CA GLY B 187 13.89 -3.26 -0.72
C GLY B 187 15.16 -2.53 -0.26
N TYR B 188 16.25 -2.78 -0.98
CA TYR B 188 17.52 -2.15 -0.61
C TYR B 188 17.44 -0.69 -0.99
N ILE B 189 17.88 0.16 -0.06
CA ILE B 189 17.72 1.59 -0.20
C ILE B 189 19.09 2.25 -0.23
N ASP B 190 19.28 3.24 -1.11
CA ASP B 190 20.52 3.98 -1.16
C ASP B 190 20.70 4.82 0.12
N THR B 191 21.57 4.36 1.02
CA THR B 191 21.98 5.12 2.20
C THR B 191 23.50 5.04 2.30
N PRO B 192 24.16 5.88 3.12
CA PRO B 192 25.55 5.64 3.48
C PRO B 192 25.65 4.25 4.11
N LEU B 193 26.52 3.40 3.54
CA LEU B 193 26.51 1.98 3.83
C LEU B 193 27.68 1.65 4.77
N ASP B 198 31.30 -2.31 -1.21
CA ASP B 198 32.05 -2.87 -2.38
C ASP B 198 31.12 -2.81 -3.60
N LYS B 199 31.59 -2.18 -4.69
CA LYS B 199 30.77 -1.86 -5.85
C LYS B 199 30.21 -3.11 -6.55
N GLU B 200 30.92 -4.24 -6.49
CA GLU B 200 30.47 -5.48 -7.09
C GLU B 200 29.29 -6.04 -6.28
N HIS B 201 29.35 -5.89 -4.96
CA HIS B 201 28.26 -6.28 -4.08
C HIS B 201 27.05 -5.40 -4.37
N ILE B 202 27.26 -4.10 -4.59
CA ILE B 202 26.20 -3.14 -4.88
C ILE B 202 25.51 -3.51 -6.20
N ASN B 203 26.29 -3.91 -7.20
CA ASN B 203 25.75 -4.29 -8.49
C ASN B 203 24.91 -5.55 -8.37
N ALA B 204 25.35 -6.47 -7.52
CA ALA B 204 24.62 -7.71 -7.27
C ALA B 204 23.26 -7.38 -6.63
N LEU B 205 23.27 -6.42 -5.70
CA LEU B 205 22.05 -5.98 -5.05
C LEU B 205 21.10 -5.36 -6.09
N ILE B 206 21.60 -4.44 -6.91
CA ILE B 206 20.77 -3.77 -7.90
C ILE B 206 20.17 -4.79 -8.86
N SER B 207 20.94 -5.82 -9.23
CA SER B 207 20.50 -6.81 -10.18
C SER B 207 19.30 -7.59 -9.65
N LYS B 208 19.11 -7.61 -8.32
CA LYS B 208 18.01 -8.33 -7.70
C LYS B 208 16.71 -7.52 -7.73
N HIS B 209 16.77 -6.24 -8.10
CA HIS B 209 15.59 -5.40 -8.14
C HIS B 209 15.20 -5.20 -9.60
N PRO B 210 14.04 -5.74 -10.07
CA PRO B 210 13.59 -5.57 -11.46
C PRO B 210 13.52 -4.14 -11.95
N ILE B 211 13.25 -3.18 -11.05
CA ILE B 211 13.21 -1.80 -11.41
C ILE B 211 14.58 -1.30 -11.85
N GLY B 212 15.68 -1.99 -11.47
CA GLY B 212 17.00 -1.72 -12.02
C GLY B 212 17.76 -0.66 -11.25
N ARG B 213 17.32 -0.32 -10.04
CA ARG B 213 18.00 0.66 -9.21
C ARG B 213 17.65 0.35 -7.77
N LEU B 214 18.43 0.91 -6.84
CA LEU B 214 18.12 0.89 -5.42
C LEU B 214 17.06 1.95 -5.16
N GLY B 215 16.34 1.83 -4.05
CA GLY B 215 15.31 2.81 -3.74
C GLY B 215 15.93 4.01 -3.02
N LYS B 216 15.10 5.04 -2.84
CA LYS B 216 15.45 6.20 -2.04
C LYS B 216 14.61 6.24 -0.77
N ALA B 217 15.17 6.77 0.32
CA ALA B 217 14.50 6.75 1.61
C ALA B 217 13.15 7.49 1.49
N GLU B 218 13.09 8.51 0.62
CA GLU B 218 11.89 9.33 0.42
C GLU B 218 10.78 8.48 -0.21
N GLU B 219 11.17 7.50 -1.02
CA GLU B 219 10.20 6.63 -1.64
C GLU B 219 9.55 5.74 -0.57
N VAL B 220 10.33 5.31 0.42
CA VAL B 220 9.83 4.51 1.51
C VAL B 220 8.92 5.39 2.36
N ALA B 221 9.39 6.63 2.66
CA ALA B 221 8.64 7.54 3.51
C ALA B 221 7.24 7.86 2.97
N GLU B 222 7.09 7.97 1.65
CA GLU B 222 5.79 8.24 1.04
C GLU B 222 4.75 7.17 1.44
N LEU B 223 5.16 5.90 1.36
CA LEU B 223 4.26 4.81 1.76
C LEU B 223 3.93 4.88 3.26
N VAL B 224 4.94 5.17 4.09
CA VAL B 224 4.72 5.28 5.52
C VAL B 224 3.71 6.40 5.80
N LEU B 225 3.86 7.52 5.10
CA LEU B 225 2.94 8.64 5.26
C LEU B 225 1.51 8.23 4.94
N PHE B 226 1.33 7.64 3.75
CA PHE B 226 0.01 7.19 3.35
C PHE B 226 -0.58 6.30 4.47
N LEU B 227 0.22 5.34 4.96
CA LEU B 227 -0.24 4.35 5.95
C LEU B 227 -0.48 5.00 7.33
N SER B 228 0.16 6.13 7.61
CA SER B 228 -0.05 6.88 8.85
C SER B 228 -1.28 7.80 8.79
N SER B 229 -1.76 8.09 7.58
CA SER B 229 -2.84 9.06 7.37
C SER B 229 -4.21 8.38 7.42
N ASP B 230 -5.27 9.20 7.46
CA ASP B 230 -6.65 8.75 7.43
C ASP B 230 -7.08 8.24 6.05
N LYS B 231 -6.29 8.50 5.02
CA LYS B 231 -6.53 7.97 3.69
C LYS B 231 -6.47 6.43 3.67
N SER B 232 -5.75 5.82 4.62
CA SER B 232 -5.59 4.36 4.73
C SER B 232 -6.52 3.74 5.77
N SER B 233 -7.68 4.37 5.99
CA SER B 233 -8.61 4.03 7.05
C SER B 233 -9.14 2.60 7.00
N PHE B 234 -9.15 1.92 5.82
CA PHE B 234 -9.65 0.55 5.78
C PHE B 234 -8.47 -0.43 5.73
N MET B 235 -7.25 0.06 5.93
CA MET B 235 -6.06 -0.79 5.91
C MET B 235 -5.51 -1.04 7.32
N THR B 236 -5.47 -2.32 7.70
CA THR B 236 -4.91 -2.76 8.97
C THR B 236 -4.48 -4.21 8.91
N GLY B 237 -3.42 -4.50 9.68
CA GLY B 237 -2.83 -5.82 9.76
C GLY B 237 -2.13 -6.23 8.46
N GLY B 238 -1.78 -5.26 7.61
CA GLY B 238 -1.26 -5.58 6.28
C GLY B 238 0.25 -5.39 6.19
N TYR B 239 0.86 -6.08 5.22
CA TYR B 239 2.28 -5.98 4.93
C TYR B 239 2.43 -5.40 3.53
N TYR B 240 3.17 -4.28 3.40
CA TYR B 240 3.17 -3.44 2.21
C TYR B 240 4.59 -3.25 1.71
N LEU B 241 4.91 -3.84 0.54
CA LEU B 241 6.24 -3.86 -0.03
C LEU B 241 6.51 -2.54 -0.76
N VAL B 242 7.77 -2.10 -0.65
CA VAL B 242 8.27 -0.98 -1.43
C VAL B 242 9.66 -1.42 -1.88
N ASP B 243 9.74 -2.28 -2.88
CA ASP B 243 10.94 -3.07 -3.09
C ASP B 243 11.40 -3.13 -4.55
N GLY B 244 10.90 -2.23 -5.40
CA GLY B 244 11.25 -2.21 -6.82
C GLY B 244 11.08 -3.57 -7.52
N GLY B 245 10.13 -4.41 -7.05
CA GLY B 245 9.89 -5.75 -7.59
C GLY B 245 10.72 -6.91 -7.02
N TYR B 246 11.57 -6.65 -6.00
CA TYR B 246 12.49 -7.64 -5.48
C TYR B 246 11.78 -8.95 -5.16
N THR B 247 10.65 -8.89 -4.44
CA THR B 247 9.97 -10.09 -3.96
C THR B 247 9.01 -10.62 -5.00
N ALA B 248 8.82 -9.94 -6.17
CA ALA B 248 7.92 -10.44 -7.20
C ALA B 248 8.52 -11.58 -8.02
N VAL B 249 9.85 -11.75 -7.98
CA VAL B 249 10.59 -12.79 -8.71
C VAL B 249 11.25 -13.78 -7.71
#